data_9HIN
#
_entry.id   9HIN
#
_cell.length_a   91.784
_cell.length_b   44.154
_cell.length_c   57.343
_cell.angle_alpha   90.00
_cell.angle_beta   107.54
_cell.angle_gamma   90.00
#
_symmetry.space_group_name_H-M   'C 1 2 1'
#
loop_
_entity.id
_entity.type
_entity.pdbx_description
1 polymer 'E3 ubiquitin-protein ligase TRIM7'
2 non-polymer 'L(+)-TARTARIC ACID'
3 non-polymer ((S)-2-(6-(6-methoxypyridin-3-yl)-1-oxoisoindolin-2-yl)-3-phenylpropanoyl)-L-glutamine
4 non-polymer 1,2-ETHANEDIOL
5 water water
#
_entity_poly.entity_id   1
_entity_poly.type   'polypeptide(L)'
_entity_poly.pdbx_seq_one_letter_code
;GKEEKVELTLDPDTANPRLILSLDLKGVRLGERAQDLPNHPCRFDTNTRVLASCGFSSGRHHWEVEVGSKDGWAFGVARE
SVRRKGLTPFTPEEGVWALQLNGGQYWAVTSPERSPLSCGHLSRVRVALDLEVGAVSFYAVEDMRHLYTFRVNFQERVFP
LFSVCSTGTYLRIWP
;
_entity_poly.pdbx_strand_id   A
#
loop_
_chem_comp.id
_chem_comp.type
_chem_comp.name
_chem_comp.formula
A1IU9 peptide-like ((S)-2-(6-(6-methoxypyridin-3-yl)-1-oxoisoindolin-2-yl)-3-phenylpropanoyl)-L-glutamine 'C28 H28 N4 O6'
EDO non-polymer 1,2-ETHANEDIOL 'C2 H6 O2'
TLA non-polymer 'L(+)-TARTARIC ACID' 'C4 H6 O6'
#
# COMPACT_ATOMS: atom_id res chain seq x y z
N LYS A 5 -11.62 -2.53 12.44
CA LYS A 5 -11.88 -1.16 12.95
C LYS A 5 -12.26 -0.22 11.80
N VAL A 6 -11.57 -0.21 10.65
CA VAL A 6 -11.94 0.73 9.59
C VAL A 6 -12.41 -0.01 8.32
N GLU A 7 -13.43 0.59 7.68
CA GLU A 7 -14.05 0.09 6.45
C GLU A 7 -13.57 0.94 5.27
N LEU A 8 -12.47 0.53 4.64
CA LEU A 8 -11.90 1.35 3.59
C LEU A 8 -12.40 0.92 2.22
N THR A 9 -12.39 1.90 1.32
CA THR A 9 -12.53 1.66 -0.11
C THR A 9 -11.43 2.41 -0.82
N LEU A 10 -11.05 1.85 -1.98
CA LEU A 10 -10.05 2.44 -2.83
C LEU A 10 -10.67 3.65 -3.51
N ASP A 11 -9.86 4.71 -3.60
CA ASP A 11 -10.27 5.97 -4.19
C ASP A 11 -9.95 5.93 -5.69
N PRO A 12 -10.97 5.83 -6.55
CA PRO A 12 -10.71 5.75 -7.99
C PRO A 12 -10.00 6.96 -8.61
N ASP A 13 -10.19 8.14 -8.03
CA ASP A 13 -9.61 9.38 -8.52
C ASP A 13 -8.08 9.43 -8.31
N THR A 14 -7.57 8.67 -7.33
CA THR A 14 -6.14 8.56 -7.07
C THR A 14 -5.46 7.49 -7.94
N ALA A 15 -6.22 6.54 -8.54
CA ALA A 15 -5.59 5.32 -9.05
C ALA A 15 -4.91 5.60 -10.38
N ASN A 16 -3.68 5.13 -10.50
CA ASN A 16 -3.00 5.07 -11.79
C ASN A 16 -3.98 4.54 -12.83
N PRO A 17 -4.07 5.13 -14.04
CA PRO A 17 -5.11 4.72 -14.99
C PRO A 17 -4.95 3.31 -15.59
N ARG A 18 -3.82 2.65 -15.40
CA ARG A 18 -3.71 1.23 -15.74
C ARG A 18 -4.29 0.30 -14.69
N LEU A 19 -4.44 0.77 -13.43
CA LEU A 19 -5.07 -0.07 -12.41
C LEU A 19 -6.55 -0.30 -12.73
N ILE A 20 -6.97 -1.51 -12.40
CA ILE A 20 -8.37 -1.93 -12.45
C ILE A 20 -8.84 -2.17 -11.01
N LEU A 21 -9.89 -1.45 -10.62
CA LEU A 21 -10.53 -1.60 -9.31
C LEU A 21 -11.79 -2.45 -9.49
N SER A 22 -11.97 -3.40 -8.57
CA SER A 22 -13.15 -4.26 -8.52
C SER A 22 -14.42 -3.41 -8.30
N LEU A 23 -15.61 -3.96 -8.56
CA LEU A 23 -16.87 -3.21 -8.40
C LEU A 23 -17.05 -2.61 -7.02
N ASP A 24 -16.57 -3.31 -6.00
CA ASP A 24 -16.82 -2.88 -4.64
C ASP A 24 -15.71 -1.98 -4.15
N LEU A 25 -14.75 -1.63 -5.02
CA LEU A 25 -13.65 -0.73 -4.71
C LEU A 25 -12.79 -1.28 -3.56
N LYS A 26 -12.69 -2.60 -3.44
CA LYS A 26 -11.81 -3.18 -2.44
C LYS A 26 -10.63 -3.91 -3.08
N GLY A 27 -10.77 -4.35 -4.35
CA GLY A 27 -9.68 -5.12 -4.96
C GLY A 27 -9.00 -4.35 -6.08
N VAL A 28 -7.72 -4.62 -6.28
CA VAL A 28 -6.95 -3.87 -7.28
C VAL A 28 -5.98 -4.82 -7.95
N ARG A 29 -5.97 -4.64 -9.28
CA ARG A 29 -5.05 -5.39 -10.14
C ARG A 29 -4.53 -4.42 -11.19
N LEU A 30 -3.55 -4.85 -11.97
CA LEU A 30 -3.01 -4.04 -13.05
C LEU A 30 -3.46 -4.54 -14.40
N GLY A 31 -3.94 -3.59 -15.19
CA GLY A 31 -4.19 -3.86 -16.61
C GLY A 31 -3.03 -3.42 -17.53
N GLU A 32 -2.95 -4.00 -18.73
CA GLU A 32 -1.97 -3.57 -19.70
C GLU A 32 -2.27 -2.18 -20.24
N ARG A 33 -3.56 -1.83 -20.44
CA ARG A 33 -3.85 -0.60 -21.16
C ARG A 33 -4.39 0.44 -20.21
N ALA A 34 -3.97 1.68 -20.42
CA ALA A 34 -4.41 2.76 -19.56
C ALA A 34 -5.87 3.06 -19.89
N GLN A 35 -6.72 3.09 -18.87
CA GLN A 35 -8.08 3.56 -19.02
C GLN A 35 -8.07 5.07 -19.24
N ASP A 36 -9.08 5.59 -19.90
CA ASP A 36 -9.16 7.01 -20.25
C ASP A 36 -9.93 7.73 -19.15
N LEU A 37 -9.19 8.30 -18.20
CA LEU A 37 -9.71 8.99 -17.02
C LEU A 37 -9.16 10.42 -17.00
N PRO A 38 -9.84 11.43 -16.43
CA PRO A 38 -9.23 12.78 -16.27
C PRO A 38 -7.97 12.82 -15.42
N ASN A 39 -6.96 13.67 -15.74
CA ASN A 39 -5.70 13.65 -14.98
C ASN A 39 -5.83 14.55 -13.73
N HIS A 40 -6.70 14.18 -12.76
CA HIS A 40 -6.96 14.95 -11.54
C HIS A 40 -5.67 15.07 -10.78
N PRO A 41 -5.46 16.17 -10.05
CA PRO A 41 -4.22 16.37 -9.27
C PRO A 41 -3.85 15.23 -8.33
N CYS A 42 -4.86 14.57 -7.75
CA CYS A 42 -4.61 13.50 -6.81
C CYS A 42 -4.22 12.17 -7.48
N ARG A 43 -4.33 12.08 -8.83
CA ARG A 43 -4.13 10.79 -9.45
C ARG A 43 -2.64 10.52 -9.66
N PHE A 44 -2.19 9.34 -9.29
CA PHE A 44 -0.85 8.89 -9.61
C PHE A 44 -0.76 8.67 -11.12
N ASP A 45 0.14 9.39 -11.78
CA ASP A 45 0.10 9.38 -13.24
C ASP A 45 1.14 8.41 -13.81
N THR A 46 2.02 7.84 -12.99
CA THR A 46 3.14 7.07 -13.49
C THR A 46 3.36 5.83 -12.66
N ASN A 47 3.54 6.00 -11.33
CA ASN A 47 3.68 4.79 -10.52
C ASN A 47 2.32 4.14 -10.31
N THR A 48 2.35 2.82 -10.09
CA THR A 48 1.14 1.99 -10.11
C THR A 48 0.42 1.98 -8.74
N ARG A 49 0.00 3.16 -8.27
CA ARG A 49 -0.46 3.31 -6.89
C ARG A 49 -1.92 3.80 -6.85
N VAL A 50 -2.55 3.49 -5.72
CA VAL A 50 -3.88 3.96 -5.35
C VAL A 50 -3.92 4.08 -3.83
N LEU A 51 -4.64 5.08 -3.35
CA LEU A 51 -4.89 5.26 -1.90
C LEU A 51 -6.34 4.89 -1.63
N ALA A 52 -6.62 4.57 -0.37
CA ALA A 52 -8.00 4.60 0.12
C ALA A 52 -8.56 6.02 0.07
N SER A 53 -9.90 6.12 0.12
CA SER A 53 -10.58 7.41 0.05
C SER A 53 -10.51 8.12 1.40
N CYS A 54 -10.15 7.38 2.44
CA CYS A 54 -10.07 7.94 3.78
C CYS A 54 -8.67 7.84 4.34
N GLY A 55 -8.23 8.94 4.94
CA GLY A 55 -6.98 8.99 5.67
C GLY A 55 -7.18 9.36 7.13
N PHE A 56 -6.07 9.26 7.87
CA PHE A 56 -6.11 9.35 9.32
C PHE A 56 -5.12 10.40 9.81
N SER A 57 -5.60 11.26 10.75
CA SER A 57 -4.81 12.35 11.31
C SER A 57 -4.46 12.08 12.76
N SER A 58 -5.15 11.14 13.40
CA SER A 58 -4.88 10.87 14.81
C SER A 58 -5.44 9.51 15.15
N GLY A 59 -5.04 8.98 16.32
CA GLY A 59 -5.63 7.74 16.80
C GLY A 59 -5.00 6.48 16.20
N ARG A 60 -5.71 5.36 16.46
CA ARG A 60 -5.23 4.01 16.16
C ARG A 60 -6.28 3.35 15.26
N HIS A 61 -5.81 2.88 14.09
CA HIS A 61 -6.69 2.25 13.13
C HIS A 61 -6.03 1.00 12.53
N HIS A 62 -6.85 0.04 12.11
CA HIS A 62 -6.31 -1.16 11.45
C HIS A 62 -7.24 -1.62 10.33
N TRP A 63 -6.63 -2.26 9.33
CA TRP A 63 -7.38 -2.92 8.28
C TRP A 63 -6.60 -4.15 7.86
N GLU A 64 -7.18 -4.93 6.93
CA GLU A 64 -6.52 -6.17 6.54
C GLU A 64 -6.44 -6.17 5.03
N VAL A 65 -5.40 -6.84 4.50
CA VAL A 65 -5.12 -6.85 3.08
C VAL A 65 -4.80 -8.28 2.65
N GLU A 66 -5.61 -8.79 1.72
CA GLU A 66 -5.39 -10.08 1.08
C GLU A 66 -4.38 -9.84 -0.04
N VAL A 67 -3.39 -10.72 -0.13
CA VAL A 67 -2.25 -10.52 -1.00
C VAL A 67 -2.14 -11.69 -2.00
N GLY A 68 -1.82 -11.36 -3.27
CA GLY A 68 -1.55 -12.38 -4.28
C GLY A 68 -0.24 -13.13 -4.00
N SER A 69 -0.13 -14.33 -4.55
CA SER A 69 1.04 -15.15 -4.34
C SER A 69 2.18 -14.73 -5.26
N LYS A 70 1.87 -14.01 -6.36
CA LYS A 70 2.90 -13.63 -7.31
C LYS A 70 3.48 -12.25 -7.03
N ASP A 71 4.71 -12.03 -7.49
CA ASP A 71 5.39 -10.75 -7.38
C ASP A 71 4.59 -9.60 -7.97
N GLY A 72 4.83 -8.41 -7.40
CA GLY A 72 4.42 -7.17 -7.98
C GLY A 72 3.55 -6.27 -7.13
N TRP A 73 3.37 -6.61 -5.84
CA TRP A 73 2.54 -5.75 -5.00
C TRP A 73 3.40 -5.13 -3.90
N ALA A 74 2.93 -3.97 -3.45
CA ALA A 74 3.44 -3.36 -2.23
C ALA A 74 2.26 -2.62 -1.60
N PHE A 75 2.22 -2.61 -0.26
CA PHE A 75 1.15 -1.87 0.39
C PHE A 75 1.61 -1.44 1.78
N GLY A 76 0.93 -0.41 2.27
CA GLY A 76 1.11 0.01 3.65
C GLY A 76 0.40 1.34 3.80
N VAL A 77 1.17 2.41 4.04
CA VAL A 77 0.62 3.76 4.18
C VAL A 77 1.55 4.74 3.47
N ALA A 78 0.97 5.92 3.19
CA ALA A 78 1.66 7.01 2.55
C ALA A 78 1.17 8.31 3.18
N ARG A 79 2.09 9.22 3.41
CA ARG A 79 1.68 10.55 3.77
C ARG A 79 0.91 11.19 2.63
N GLU A 80 -0.02 12.07 3.01
CA GLU A 80 -0.87 12.67 2.00
C GLU A 80 -0.07 13.42 0.95
N SER A 81 1.06 14.03 1.32
CA SER A 81 1.84 14.87 0.41
C SER A 81 2.73 14.03 -0.52
N VAL A 82 2.60 12.72 -0.49
CA VAL A 82 3.35 11.86 -1.41
C VAL A 82 3.08 12.37 -2.83
N ARG A 83 4.14 12.46 -3.63
CA ARG A 83 4.00 13.06 -4.95
C ARG A 83 3.18 12.15 -5.86
N ARG A 84 2.23 12.77 -6.57
CA ARG A 84 1.33 12.03 -7.46
C ARG A 84 1.83 12.06 -8.92
N LYS A 85 2.43 13.18 -9.32
CA LYS A 85 2.80 13.38 -10.73
C LYS A 85 4.28 13.13 -10.89
N GLY A 86 4.61 12.40 -11.94
CA GLY A 86 5.99 12.10 -12.25
C GLY A 86 6.38 10.72 -11.72
N LEU A 87 7.58 10.31 -12.09
CA LEU A 87 8.07 9.06 -11.61
C LEU A 87 8.72 9.30 -10.26
N THR A 88 8.22 8.61 -9.24
CA THR A 88 8.72 8.79 -7.90
C THR A 88 9.42 7.52 -7.43
N PRO A 89 10.39 7.67 -6.49
CA PRO A 89 10.95 6.50 -5.79
C PRO A 89 9.94 5.94 -4.79
N PHE A 90 10.02 4.63 -4.55
CA PHE A 90 9.11 3.96 -3.63
C PHE A 90 9.89 3.78 -2.33
N THR A 91 9.94 4.87 -1.54
CA THR A 91 10.81 4.92 -0.36
C THR A 91 10.18 5.71 0.78
N PRO A 92 10.63 5.45 2.04
CA PRO A 92 10.21 6.23 3.19
C PRO A 92 10.45 7.73 3.03
N GLU A 93 11.59 8.11 2.44
CA GLU A 93 11.92 9.52 2.29
C GLU A 93 10.89 10.19 1.38
N GLU A 94 10.30 9.41 0.46
CA GLU A 94 9.30 9.92 -0.46
C GLU A 94 7.88 9.73 0.07
N GLY A 95 7.75 9.21 1.28
CA GLY A 95 6.48 9.26 2.00
C GLY A 95 5.67 7.97 1.86
N VAL A 96 6.36 6.83 1.70
CA VAL A 96 5.69 5.55 1.57
C VAL A 96 6.37 4.57 2.51
N TRP A 97 5.52 3.90 3.29
CA TRP A 97 5.96 2.90 4.25
C TRP A 97 5.21 1.61 4.00
N ALA A 98 5.90 0.62 3.44
CA ALA A 98 5.24 -0.52 2.82
C ALA A 98 6.05 -1.81 2.92
N LEU A 99 5.31 -2.95 2.84
CA LEU A 99 5.85 -4.26 2.54
C LEU A 99 5.69 -4.53 1.05
N GLN A 100 6.54 -5.42 0.55
CA GLN A 100 6.59 -5.66 -0.89
C GLN A 100 6.93 -7.13 -1.14
N LEU A 101 6.32 -7.69 -2.21
CA LEU A 101 6.70 -9.01 -2.72
C LEU A 101 7.33 -8.82 -4.09
N ASN A 102 8.62 -9.20 -4.20
CA ASN A 102 9.41 -8.89 -5.40
C ASN A 102 10.57 -9.87 -5.44
N GLY A 103 10.80 -10.47 -6.61
CA GLY A 103 11.88 -11.44 -6.70
C GLY A 103 11.63 -12.72 -5.89
N GLY A 104 10.37 -13.00 -5.52
CA GLY A 104 10.03 -14.19 -4.76
C GLY A 104 10.28 -14.04 -3.26
N GLN A 105 10.66 -12.83 -2.84
N GLN A 105 10.63 -12.82 -2.83
CA GLN A 105 11.00 -12.53 -1.46
CA GLN A 105 10.97 -12.56 -1.44
C GLN A 105 10.07 -11.44 -0.92
C GLN A 105 10.08 -11.44 -0.92
N TYR A 106 9.76 -11.51 0.39
CA TYR A 106 9.03 -10.43 1.03
C TYR A 106 10.04 -9.43 1.59
N TRP A 107 9.69 -8.15 1.49
CA TRP A 107 10.58 -7.08 1.92
C TRP A 107 9.80 -6.06 2.74
N ALA A 108 10.48 -5.45 3.72
CA ALA A 108 10.11 -4.11 4.16
C ALA A 108 10.87 -3.11 3.31
N VAL A 109 10.16 -2.11 2.77
CA VAL A 109 10.80 -1.22 1.83
C VAL A 109 11.48 -0.09 2.59
N THR A 110 12.63 -0.48 3.18
CA THR A 110 13.57 0.42 3.83
C THR A 110 14.50 1.00 2.78
N SER A 111 15.20 2.07 3.15
CA SER A 111 16.04 2.79 2.21
C SER A 111 17.38 3.05 2.91
N PRO A 112 18.55 3.00 2.22
CA PRO A 112 18.64 2.81 0.77
C PRO A 112 18.60 1.35 0.30
N GLU A 113 18.61 0.41 1.24
CA GLU A 113 18.47 -1.01 0.95
C GLU A 113 17.17 -1.51 1.59
N ARG A 114 16.37 -2.26 0.82
CA ARG A 114 15.20 -2.92 1.36
C ARG A 114 15.64 -4.00 2.34
N SER A 115 14.75 -4.33 3.27
CA SER A 115 15.05 -5.33 4.28
C SER A 115 14.26 -6.60 4.00
N PRO A 116 14.95 -7.72 3.72
CA PRO A 116 14.26 -9.00 3.51
C PRO A 116 13.63 -9.53 4.80
N LEU A 117 12.40 -10.01 4.69
CA LEU A 117 11.69 -10.62 5.81
C LEU A 117 11.80 -12.13 5.74
N SER A 118 11.98 -12.78 6.89
CA SER A 118 11.88 -14.23 6.98
C SER A 118 10.55 -14.60 7.62
N CYS A 119 9.46 -14.52 6.87
CA CYS A 119 8.14 -14.72 7.45
C CYS A 119 7.36 -15.88 6.81
N GLY A 120 7.91 -16.54 5.79
CA GLY A 120 7.17 -17.58 5.07
C GLY A 120 5.99 -17.01 4.26
N HIS A 121 5.16 -17.88 3.67
CA HIS A 121 4.12 -17.44 2.75
C HIS A 121 3.03 -16.61 3.45
N LEU A 122 2.68 -15.48 2.83
CA LEU A 122 1.63 -14.58 3.30
C LEU A 122 0.40 -14.67 2.42
N SER A 123 -0.76 -14.59 3.07
CA SER A 123 -2.06 -14.69 2.44
C SER A 123 -2.88 -13.45 2.79
N ARG A 124 -2.94 -13.12 4.07
CA ARG A 124 -3.65 -11.92 4.49
C ARG A 124 -2.82 -11.27 5.61
N VAL A 125 -2.76 -9.94 5.57
CA VAL A 125 -1.90 -9.18 6.45
C VAL A 125 -2.71 -8.07 7.12
N ARG A 126 -2.55 -7.91 8.46
CA ARG A 126 -3.21 -6.81 9.12
C ARG A 126 -2.25 -5.63 9.20
N VAL A 127 -2.78 -4.44 8.86
CA VAL A 127 -2.01 -3.21 8.96
C VAL A 127 -2.53 -2.41 10.15
N ALA A 128 -1.65 -2.05 11.07
CA ALA A 128 -2.03 -1.27 12.24
C ALA A 128 -1.29 0.07 12.23
N LEU A 129 -2.05 1.16 12.07
CA LEU A 129 -1.50 2.50 12.03
C LEU A 129 -1.81 3.22 13.33
N ASP A 130 -0.75 3.58 14.10
CA ASP A 130 -0.93 4.28 15.35
C ASP A 130 -0.23 5.64 15.30
N LEU A 131 -1.04 6.71 15.29
CA LEU A 131 -0.53 8.06 15.10
C LEU A 131 -0.16 8.74 16.41
N GLU A 132 -0.54 8.13 17.56
CA GLU A 132 -0.11 8.64 18.87
C GLU A 132 1.26 8.02 19.16
N VAL A 133 1.40 6.72 18.88
CA VAL A 133 2.68 6.05 19.04
C VAL A 133 3.67 6.51 17.96
N GLY A 134 3.17 6.71 16.73
CA GLY A 134 3.99 7.00 15.55
C GLY A 134 4.61 5.73 14.98
N ALA A 135 3.76 4.88 14.42
CA ALA A 135 4.18 3.58 13.94
C ALA A 135 3.16 3.06 12.95
N VAL A 136 3.65 2.29 11.98
CA VAL A 136 2.79 1.46 11.15
C VAL A 136 3.35 0.04 11.18
N SER A 137 2.48 -0.90 11.54
CA SER A 137 2.87 -2.28 11.82
C SER A 137 2.05 -3.22 10.94
N PHE A 138 2.67 -4.38 10.67
CA PHE A 138 2.13 -5.40 9.81
C PHE A 138 2.23 -6.74 10.51
N TYR A 139 1.14 -7.50 10.43
CA TYR A 139 1.06 -8.83 11.02
C TYR A 139 0.41 -9.79 10.03
N ALA A 140 0.91 -11.02 10.03
CA ALA A 140 0.25 -12.14 9.35
C ALA A 140 -0.94 -12.57 10.22
N VAL A 141 -2.13 -12.63 9.60
CA VAL A 141 -3.39 -12.70 10.30
C VAL A 141 -3.51 -14.07 10.99
N GLU A 142 -2.99 -15.12 10.32
CA GLU A 142 -3.15 -16.52 10.74
C GLU A 142 -2.75 -16.76 12.19
N ASP A 143 -1.89 -15.92 12.78
CA ASP A 143 -1.55 -16.04 14.20
C ASP A 143 -1.17 -14.70 14.80
N MET A 144 -1.58 -13.62 14.13
CA MET A 144 -1.10 -12.25 14.34
C MET A 144 0.39 -12.21 14.68
N ARG A 145 1.22 -12.96 13.93
CA ARG A 145 2.67 -12.86 14.05
C ARG A 145 3.11 -11.53 13.45
N HIS A 146 3.93 -10.81 14.21
CA HIS A 146 4.44 -9.51 13.79
C HIS A 146 5.45 -9.69 12.69
N LEU A 147 5.29 -8.93 11.61
CA LEU A 147 6.19 -9.00 10.47
C LEU A 147 7.22 -7.89 10.52
N TYR A 148 6.74 -6.65 10.68
CA TYR A 148 7.60 -5.50 10.63
C TYR A 148 6.89 -4.27 11.16
N THR A 149 7.67 -3.36 11.76
CA THR A 149 7.15 -2.05 12.09
C THR A 149 8.09 -0.95 11.58
N PHE A 150 7.50 0.07 10.95
CA PHE A 150 8.17 1.36 10.76
C PHE A 150 7.76 2.31 11.88
N ARG A 151 8.73 2.86 12.63
CA ARG A 151 8.42 3.99 13.49
C ARG A 151 8.64 5.27 12.71
N VAL A 152 7.65 6.17 12.78
CA VAL A 152 7.63 7.37 11.98
C VAL A 152 7.01 8.49 12.79
N ASN A 153 7.53 9.71 12.62
CA ASN A 153 6.94 10.89 13.20
C ASN A 153 5.96 11.51 12.22
N PHE A 154 4.79 10.88 12.15
CA PHE A 154 3.72 11.30 11.28
C PHE A 154 3.29 12.69 11.74
N GLN A 155 3.20 13.62 10.78
CA GLN A 155 2.84 14.99 11.08
C GLN A 155 1.83 15.55 10.08
N GLU A 156 1.15 14.66 9.35
CA GLU A 156 0.07 15.02 8.45
C GLU A 156 -0.87 13.84 8.34
N ARG A 157 -1.90 13.93 7.48
CA ARG A 157 -2.87 12.87 7.20
C ARG A 157 -2.16 11.72 6.48
N VAL A 158 -2.41 10.52 6.97
CA VAL A 158 -1.79 9.30 6.46
C VAL A 158 -2.86 8.42 5.83
N PHE A 159 -2.57 7.94 4.59
CA PHE A 159 -3.53 7.16 3.80
C PHE A 159 -3.07 5.74 3.63
N PRO A 160 -4.00 4.76 3.73
CA PRO A 160 -3.72 3.41 3.21
C PRO A 160 -3.27 3.45 1.75
N LEU A 161 -2.19 2.72 1.45
CA LEU A 161 -1.52 2.73 0.17
C LEU A 161 -1.46 1.33 -0.39
N PHE A 162 -1.68 1.26 -1.73
CA PHE A 162 -1.65 0.00 -2.47
C PHE A 162 -0.93 0.24 -3.78
N SER A 163 -0.11 -0.73 -4.21
CA SER A 163 0.55 -0.61 -5.50
C SER A 163 0.68 -1.99 -6.11
N VAL A 164 0.38 -2.07 -7.43
CA VAL A 164 0.44 -3.33 -8.16
C VAL A 164 1.12 -3.04 -9.49
N CYS A 165 2.32 -3.60 -9.69
CA CYS A 165 3.13 -3.29 -10.85
C CYS A 165 3.32 -4.51 -11.77
N SER A 166 2.59 -5.60 -11.53
CA SER A 166 2.55 -6.76 -12.43
C SER A 166 1.10 -7.13 -12.69
N THR A 167 0.80 -7.57 -13.94
CA THR A 167 -0.51 -8.04 -14.31
C THR A 167 -0.85 -9.39 -13.70
N GLY A 168 0.08 -10.01 -12.98
CA GLY A 168 -0.14 -11.33 -12.45
C GLY A 168 -0.51 -11.38 -10.97
N THR A 169 -0.67 -10.21 -10.31
CA THR A 169 -0.89 -10.25 -8.86
C THR A 169 -1.97 -9.24 -8.49
N TYR A 170 -2.32 -9.19 -7.20
CA TYR A 170 -3.38 -8.29 -6.77
C TYR A 170 -3.28 -8.06 -5.26
N LEU A 171 -4.06 -7.08 -4.82
CA LEU A 171 -4.37 -6.81 -3.42
C LEU A 171 -5.86 -6.58 -3.27
N ARG A 172 -6.35 -6.97 -2.09
CA ARG A 172 -7.78 -6.75 -1.78
C ARG A 172 -7.97 -6.34 -0.31
N ILE A 173 -8.62 -5.20 -0.11
CA ILE A 173 -9.04 -4.81 1.24
C ILE A 173 -10.09 -5.81 1.72
N TRP A 174 -9.77 -6.65 2.74
CA TRP A 174 -10.61 -7.78 3.14
C TRP A 174 -10.84 -7.75 4.65
O1 TLA B . 8.87 -3.83 -11.29
O11 TLA B . 10.32 -4.44 -9.69
C1 TLA B . 9.51 -3.63 -10.22
C2 TLA B . 9.37 -2.29 -9.61
O2 TLA B . 8.39 -1.52 -10.34
C3 TLA B . 10.74 -1.62 -9.56
O3 TLA B . 11.40 -1.74 -10.80
C4 TLA B . 10.62 -0.15 -9.25
O4 TLA B . 10.14 0.24 -8.12
O41 TLA B . 10.93 0.62 -10.15
C1 A1IU9 C . 1.73 -5.40 -20.47
C3 A1IU9 C . 2.43 -4.59 -18.36
C4 A1IU9 C . 2.96 -4.89 -17.14
C5 A1IU9 C . 3.35 -3.83 -16.35
C6 A1IU9 C . 3.19 -2.52 -16.76
C7 A1IU9 C . 3.60 -1.39 -15.90
C8 A1IU9 C . 3.06 -0.10 -16.02
C9 A1IU9 C . 3.52 0.95 -15.25
C10 A1IU9 C . 4.53 0.71 -14.32
C11 A1IU9 C . 5.16 1.63 -13.31
C13 A1IU9 C . 6.95 1.08 -11.51
C14 A1IU9 C . 7.77 2.34 -11.81
C15 A1IU9 C . 8.63 2.20 -13.05
C16 A1IU9 C . 9.56 1.18 -13.14
C17 A1IU9 C . 10.33 1.03 -14.29
C18 A1IU9 C . 10.16 1.88 -15.34
C19 A1IU9 C . 9.23 2.90 -15.26
C20 A1IU9 C . 8.47 3.06 -14.12
O2 A1IU9 C . 2.15 -5.67 -19.15
N12 A1IU9 C . 6.08 0.72 -12.62
C21 A1IU9 C . 6.12 1.24 -10.26
O22 A1IU9 C . 5.19 2.04 -10.20
N23 A1IU9 C . 6.51 0.48 -9.23
C24 A1IU9 C . 5.80 0.41 -7.95
C25 A1IU9 C . 6.66 -0.40 -6.98
C26 A1IU9 C . 5.85 -0.87 -5.76
C27 A1IU9 C . 5.35 -2.28 -6.00
N28 A1IU9 C . 4.14 -2.40 -6.50
O29 A1IU9 C . 6.09 -3.26 -5.80
C30 A1IU9 C . 5.54 1.78 -7.30
O31 A1IU9 C . 6.46 2.65 -7.34
O32 A1IU9 C . 4.39 1.96 -6.80
C33 A1IU9 C . 6.06 -0.55 -13.11
O34 A1IU9 C . 6.74 -1.44 -12.72
C35 A1IU9 C . 5.06 -0.56 -14.19
C36 A1IU9 C . 4.61 -1.61 -14.95
C37 A1IU9 C . 2.64 -2.35 -18.03
N38 A1IU9 C . 2.25 -3.36 -18.82
C1 EDO D . 6.36 -16.73 -1.75
O1 EDO D . 5.76 -17.31 -0.61
C2 EDO D . 5.43 -15.97 -2.62
O2 EDO D . 4.17 -16.60 -2.92
#